data_5Q0Q
#
_entry.id   5Q0Q
#
_cell.length_a   102.439
_cell.length_b   131.892
_cell.length_c   37.409
_cell.angle_alpha   90.000
_cell.angle_beta   90.000
_cell.angle_gamma   90.000
#
_symmetry.space_group_name_H-M   'P 21 21 2'
#
loop_
_entity.id
_entity.type
_entity.pdbx_description
1 polymer 'Bile acid receptor'
2 polymer 'COACTIVATOR PEPTIDE SRC-1 HD3'
3 non-polymer 'ethyl 4-({2-phenyl-5-[(thiophen-2-yl)sulfonyl]-4,5,6,7-tetrahydro-2H-pyrazolo[4,3-c]pyridine-3-carbonyl}amino)benzoate'
4 water water
#
loop_
_entity_poly.entity_id
_entity_poly.type
_entity_poly.pdbx_seq_one_letter_code
_entity_poly.pdbx_strand_id
1 'polypeptide(L)'
;GSHMELTPDQQTLLHFIMDSYNKQRMPQEITNKILKEAFSAEENFLILTEMATNHVQVLVEFTKKLPGFQTLDHEDQIAL
LKGSAVEAMFLRSAEIFNKKLPSGHSDLLEARIRNSGISDEYITPMFSFYKSIGELKMTQEEYALLTAIVILSPDRQYIK
DREAVEKLQEPLLDVLQKLCKIHQPENPQHFACLLGRLTELRTFNHHHAEMLMSWRVNDHKFTPLLCEIWDVQ
;
A,C
2 'polypeptide(L)' KDHQLLRYLLDKDE B,D
#
# COMPACT_ATOMS: atom_id res chain seq x y z
N MET A 4 15.69 7.76 7.04
CA MET A 4 16.41 8.78 7.80
C MET A 4 15.53 10.01 8.16
N GLU A 5 16.15 11.11 8.63
CA GLU A 5 15.50 12.36 9.05
C GLU A 5 15.46 13.41 7.91
N LEU A 6 14.47 14.32 7.96
CA LEU A 6 14.24 15.44 7.03
C LEU A 6 15.36 16.46 7.17
N THR A 7 15.91 16.90 6.03
CA THR A 7 16.98 17.90 5.99
C THR A 7 16.40 19.29 6.31
N PRO A 8 17.22 20.29 6.75
CA PRO A 8 16.65 21.63 7.02
C PRO A 8 15.96 22.28 5.80
N ASP A 9 16.36 21.87 4.58
CA ASP A 9 15.80 22.31 3.29
C ASP A 9 14.36 21.76 3.15
N GLN A 10 14.15 20.47 3.52
CA GLN A 10 12.86 19.78 3.47
C GLN A 10 11.94 20.26 4.57
N GLN A 11 12.51 20.68 5.72
CA GLN A 11 11.78 21.23 6.87
C GLN A 11 11.17 22.58 6.51
N THR A 12 11.92 23.40 5.72
CA THR A 12 11.49 24.71 5.23
C THR A 12 10.33 24.51 4.24
N LEU A 13 10.45 23.48 3.36
CA LEU A 13 9.45 23.12 2.37
C LEU A 13 8.16 22.63 3.05
N LEU A 14 8.28 21.82 4.14
CA LEU A 14 7.11 21.33 4.88
C LEU A 14 6.38 22.44 5.64
N HIS A 15 7.14 23.30 6.36
CA HIS A 15 6.61 24.43 7.12
C HIS A 15 5.81 25.37 6.19
N PHE A 16 6.38 25.68 5.01
CA PHE A 16 5.78 26.50 3.98
C PHE A 16 4.44 25.91 3.44
N ILE A 17 4.34 24.56 3.30
CA ILE A 17 3.14 23.88 2.85
C ILE A 17 2.07 23.96 3.96
N MET A 18 2.47 23.64 5.22
CA MET A 18 1.62 23.68 6.41
C MET A 18 1.10 25.08 6.73
N ASP A 19 1.89 26.12 6.39
CA ASP A 19 1.51 27.53 6.54
C ASP A 19 0.23 27.80 5.72
N SER A 20 0.14 27.20 4.51
CA SER A 20 -1.00 27.31 3.61
C SER A 20 -2.14 26.36 4.01
N TYR A 21 -1.83 25.07 4.23
CA TYR A 21 -2.84 24.05 4.58
C TYR A 21 -3.56 24.27 5.91
N ASN A 22 -2.80 24.58 7.00
CA ASN A 22 -3.33 24.78 8.36
C ASN A 22 -4.23 26.01 8.51
N LYS A 23 -4.02 27.06 7.68
CA LYS A 23 -4.85 28.27 7.71
C LYS A 23 -6.23 28.00 7.15
N GLN A 24 -6.32 27.04 6.20
CA GLN A 24 -7.55 26.64 5.54
C GLN A 24 -8.49 25.84 6.44
N ARG A 25 -9.70 26.39 6.66
CA ARG A 25 -10.73 25.81 7.52
C ARG A 25 -12.11 25.97 6.89
N MET A 26 -13.05 25.11 7.32
CA MET A 26 -14.44 25.16 6.89
C MET A 26 -15.12 26.29 7.69
N PRO A 27 -15.79 27.26 7.02
CA PRO A 27 -16.43 28.36 7.77
C PRO A 27 -17.58 27.92 8.68
N GLN A 28 -17.73 28.61 9.83
CA GLN A 28 -18.75 28.36 10.85
C GLN A 28 -20.17 28.44 10.29
N GLU A 29 -20.43 29.37 9.36
CA GLU A 29 -21.75 29.55 8.73
C GLU A 29 -22.24 28.28 8.00
N ILE A 30 -21.30 27.51 7.41
CA ILE A 30 -21.55 26.25 6.72
C ILE A 30 -21.71 25.12 7.77
N THR A 31 -20.82 25.10 8.78
CA THR A 31 -20.79 24.13 9.88
C THR A 31 -22.10 24.16 10.69
N ASN A 32 -22.62 25.38 10.98
CA ASN A 32 -23.89 25.58 11.70
C ASN A 32 -25.08 25.19 10.82
N LYS A 33 -24.93 25.31 9.48
CA LYS A 33 -25.96 24.97 8.49
C LYS A 33 -26.19 23.45 8.42
N ILE A 34 -25.14 22.63 8.69
CA ILE A 34 -25.22 21.17 8.69
C ILE A 34 -26.13 20.69 9.83
N LEU A 35 -26.13 21.40 10.97
CA LEU A 35 -26.91 21.05 12.16
C LEU A 35 -28.27 21.78 12.29
N LYS A 36 -28.42 22.99 11.72
CA LYS A 36 -29.64 23.81 11.83
C LYS A 36 -30.56 23.82 10.59
N GLU A 37 -30.05 23.53 9.37
CA GLU A 37 -30.91 23.58 8.18
C GLU A 37 -31.89 22.41 8.10
N ALA A 38 -33.03 22.63 7.40
CA ALA A 38 -34.10 21.65 7.18
C ALA A 38 -33.59 20.47 6.37
N PHE A 39 -34.01 19.25 6.75
CA PHE A 39 -33.58 18.02 6.10
C PHE A 39 -34.52 17.62 4.95
N SER A 40 -34.05 17.81 3.72
CA SER A 40 -34.75 17.47 2.48
C SER A 40 -33.71 17.32 1.36
N ALA A 41 -34.03 16.53 0.31
CA ALA A 41 -33.14 16.29 -0.84
C ALA A 41 -32.61 17.59 -1.48
N GLU A 42 -33.47 18.62 -1.59
CA GLU A 42 -33.13 19.93 -2.16
C GLU A 42 -32.19 20.71 -1.26
N GLU A 43 -32.50 20.78 0.06
CA GLU A 43 -31.69 21.51 1.04
C GLU A 43 -30.36 20.83 1.35
N ASN A 44 -30.32 19.48 1.33
CA ASN A 44 -29.10 18.69 1.55
C ASN A 44 -28.12 18.91 0.39
N PHE A 45 -28.66 19.04 -0.84
CA PHE A 45 -27.92 19.30 -2.07
C PHE A 45 -27.33 20.72 -2.07
N LEU A 46 -28.07 21.69 -1.51
CA LEU A 46 -27.68 23.10 -1.41
C LEU A 46 -26.48 23.28 -0.50
N ILE A 47 -26.44 22.57 0.64
CA ILE A 47 -25.33 22.61 1.60
C ILE A 47 -24.05 22.09 0.91
N LEU A 48 -24.17 21.03 0.10
CA LEU A 48 -23.06 20.43 -0.65
C LEU A 48 -22.52 21.39 -1.71
N THR A 49 -23.40 22.18 -2.36
CA THR A 49 -23.02 23.20 -3.34
C THR A 49 -22.23 24.31 -2.64
N GLU A 50 -22.70 24.78 -1.48
CA GLU A 50 -22.02 25.81 -0.67
C GLU A 50 -20.64 25.32 -0.22
N MET A 51 -20.56 24.03 0.19
CA MET A 51 -19.33 23.37 0.63
C MET A 51 -18.34 23.23 -0.52
N ALA A 52 -18.77 22.58 -1.64
CA ALA A 52 -17.95 22.38 -2.84
C ALA A 52 -17.44 23.71 -3.43
N THR A 53 -18.27 24.77 -3.43
CA THR A 53 -17.90 26.11 -3.90
C THR A 53 -16.74 26.65 -3.05
N ASN A 54 -16.89 26.55 -1.70
CA ASN A 54 -15.89 26.99 -0.74
C ASN A 54 -14.55 26.29 -0.96
N HIS A 55 -14.58 24.98 -1.32
CA HIS A 55 -13.38 24.20 -1.59
C HIS A 55 -12.59 24.75 -2.79
N VAL A 56 -13.27 25.21 -3.85
CA VAL A 56 -12.62 25.78 -5.05
C VAL A 56 -11.75 27.00 -4.67
N GLN A 57 -12.26 27.87 -3.76
CA GLN A 57 -11.52 29.04 -3.26
C GLN A 57 -10.34 28.59 -2.40
N VAL A 58 -10.52 27.48 -1.66
CA VAL A 58 -9.53 26.86 -0.77
C VAL A 58 -8.39 26.24 -1.60
N LEU A 59 -8.76 25.51 -2.69
CA LEU A 59 -7.86 24.85 -3.62
C LEU A 59 -6.96 25.85 -4.32
N VAL A 60 -7.55 26.91 -4.95
CA VAL A 60 -6.80 27.97 -5.64
C VAL A 60 -5.83 28.65 -4.67
N GLU A 61 -6.28 28.98 -3.45
CA GLU A 61 -5.44 29.62 -2.44
C GLU A 61 -4.24 28.75 -2.01
N PHE A 62 -4.44 27.42 -1.85
CA PHE A 62 -3.38 26.49 -1.48
C PHE A 62 -2.40 26.29 -2.63
N THR A 63 -2.93 26.14 -3.86
CA THR A 63 -2.18 25.93 -5.10
C THR A 63 -1.27 27.13 -5.44
N LYS A 64 -1.78 28.36 -5.19
CA LYS A 64 -1.07 29.63 -5.42
C LYS A 64 0.24 29.69 -4.63
N LYS A 65 0.25 29.12 -3.41
CA LYS A 65 1.40 29.12 -2.50
C LYS A 65 2.37 27.96 -2.69
N LEU A 66 2.00 26.95 -3.50
CA LEU A 66 2.89 25.81 -3.76
C LEU A 66 4.15 26.26 -4.50
N PRO A 67 5.36 26.07 -3.90
CA PRO A 67 6.61 26.56 -4.54
C PRO A 67 6.77 26.20 -6.01
N GLY A 68 6.85 27.22 -6.87
CA GLY A 68 7.03 27.07 -8.30
C GLY A 68 5.78 27.01 -9.16
N PHE A 69 4.57 27.02 -8.53
CA PHE A 69 3.32 26.95 -9.28
C PHE A 69 3.07 28.22 -10.09
N GLN A 70 3.37 29.39 -9.51
CA GLN A 70 3.20 30.70 -10.15
C GLN A 70 4.16 30.93 -11.32
N THR A 71 5.26 30.14 -11.39
CA THR A 71 6.27 30.23 -12.45
C THR A 71 5.91 29.35 -13.69
N LEU A 72 4.83 28.55 -13.58
CA LEU A 72 4.36 27.66 -14.66
C LEU A 72 3.57 28.44 -15.70
N ASP A 73 3.41 27.84 -16.90
CA ASP A 73 2.63 28.38 -18.01
C ASP A 73 1.17 28.52 -17.58
N HIS A 74 0.56 29.69 -17.85
CA HIS A 74 -0.81 30.02 -17.47
C HIS A 74 -1.85 28.97 -17.85
N GLU A 75 -1.72 28.39 -19.06
CA GLU A 75 -2.65 27.34 -19.54
C GLU A 75 -2.51 26.03 -18.75
N ASP A 76 -1.27 25.68 -18.35
CA ASP A 76 -0.97 24.50 -17.54
C ASP A 76 -1.48 24.68 -16.12
N GLN A 77 -1.46 25.93 -15.60
CA GLN A 77 -1.94 26.29 -14.26
C GLN A 77 -3.45 25.98 -14.14
N ILE A 78 -4.22 26.30 -15.19
CA ILE A 78 -5.67 26.07 -15.26
C ILE A 78 -5.95 24.55 -15.37
N ALA A 79 -5.21 23.84 -16.26
CA ALA A 79 -5.33 22.39 -16.49
C ALA A 79 -5.04 21.59 -15.22
N LEU A 80 -4.03 22.00 -14.41
CA LEU A 80 -3.69 21.36 -13.15
C LEU A 80 -4.82 21.54 -12.14
N LEU A 81 -5.43 22.74 -12.09
CA LEU A 81 -6.56 23.02 -11.21
C LEU A 81 -7.83 22.24 -11.59
N LYS A 82 -8.18 22.25 -12.89
CA LYS A 82 -9.36 21.53 -13.41
C LYS A 82 -9.24 20.02 -13.24
N GLY A 83 -8.03 19.49 -13.49
CA GLY A 83 -7.70 18.08 -13.39
C GLY A 83 -7.67 17.51 -11.99
N SER A 84 -7.43 18.36 -10.97
CA SER A 84 -7.34 17.94 -9.57
C SER A 84 -8.54 18.36 -8.69
N ALA A 85 -9.43 19.22 -9.19
CA ALA A 85 -10.60 19.74 -8.44
C ALA A 85 -11.44 18.67 -7.72
N VAL A 86 -11.77 17.57 -8.43
CA VAL A 86 -12.58 16.46 -7.88
C VAL A 86 -11.80 15.64 -6.83
N GLU A 87 -10.57 15.18 -7.20
CA GLU A 87 -9.69 14.38 -6.35
C GLU A 87 -9.31 15.10 -5.04
N ALA A 88 -8.87 16.38 -5.13
CA ALA A 88 -8.48 17.20 -3.97
C ALA A 88 -9.65 17.42 -3.03
N MET A 89 -10.87 17.53 -3.57
CA MET A 89 -12.09 17.71 -2.78
C MET A 89 -12.41 16.46 -1.95
N PHE A 90 -12.39 15.28 -2.57
CA PHE A 90 -12.69 14.03 -1.86
C PHE A 90 -11.61 13.68 -0.84
N LEU A 91 -10.36 14.05 -1.13
CA LEU A 91 -9.25 13.85 -0.19
C LEU A 91 -9.47 14.73 1.04
N ARG A 92 -9.94 15.98 0.84
CA ARG A 92 -10.26 16.94 1.90
C ARG A 92 -11.51 16.49 2.67
N SER A 93 -12.49 15.92 1.96
CA SER A 93 -13.74 15.37 2.49
C SER A 93 -13.44 14.20 3.42
N ALA A 94 -12.46 13.35 3.04
CA ALA A 94 -12.00 12.19 3.81
C ALA A 94 -11.39 12.65 5.13
N GLU A 95 -10.63 13.76 5.10
CA GLU A 95 -9.99 14.36 6.27
C GLU A 95 -11.02 14.90 7.26
N ILE A 96 -12.03 15.62 6.76
CA ILE A 96 -13.11 16.22 7.54
C ILE A 96 -14.03 15.14 8.13
N PHE A 97 -14.44 14.15 7.30
CA PHE A 97 -15.32 13.06 7.71
C PHE A 97 -14.70 12.09 8.74
N ASN A 98 -13.35 11.98 8.78
CA ASN A 98 -12.65 11.09 9.72
C ASN A 98 -12.06 11.80 10.94
N LYS A 99 -11.94 13.15 10.89
CA LYS A 99 -11.35 13.94 12.00
C LYS A 99 -12.26 15.04 12.54
N LYS A 100 -12.11 16.28 12.01
CA LYS A 100 -12.77 17.54 12.40
C LYS A 100 -14.32 17.45 12.49
N LEU A 101 -14.82 16.86 13.60
CA LEU A 101 -16.24 16.66 13.91
C LEU A 101 -16.44 16.58 15.43
N PRO A 102 -17.38 17.36 16.03
CA PRO A 102 -17.54 17.32 17.49
C PRO A 102 -18.27 16.07 18.00
N SER A 103 -19.62 16.04 17.94
CA SER A 103 -20.43 14.91 18.44
C SER A 103 -21.51 14.41 17.47
N GLY A 104 -22.22 15.33 16.82
CA GLY A 104 -23.31 14.99 15.91
C GLY A 104 -23.11 15.27 14.42
N HIS A 105 -22.16 16.17 14.05
CA HIS A 105 -21.91 16.57 12.65
C HIS A 105 -21.59 15.41 11.71
N SER A 106 -20.80 14.42 12.18
CA SER A 106 -20.34 13.23 11.46
C SER A 106 -21.48 12.40 10.87
N ASP A 107 -22.46 12.06 11.72
CA ASP A 107 -23.64 11.25 11.40
C ASP A 107 -24.71 12.03 10.66
N LEU A 108 -24.85 13.34 10.97
CA LEU A 108 -25.83 14.21 10.30
C LEU A 108 -25.43 14.47 8.86
N LEU A 109 -24.14 14.74 8.60
CA LEU A 109 -23.62 15.00 7.26
C LEU A 109 -23.70 13.78 6.38
N GLU A 110 -23.40 12.58 6.94
CA GLU A 110 -23.49 11.30 6.24
C GLU A 110 -24.92 11.09 5.75
N ALA A 111 -25.91 11.36 6.62
CA ALA A 111 -27.34 11.28 6.35
C ALA A 111 -27.71 12.28 5.24
N ARG A 112 -27.14 13.51 5.29
CA ARG A 112 -27.36 14.56 4.29
C ARG A 112 -26.79 14.17 2.91
N ILE A 113 -25.54 13.63 2.86
CA ILE A 113 -24.88 13.17 1.62
C ILE A 113 -25.71 12.03 1.00
N ARG A 114 -26.14 11.06 1.83
CA ARG A 114 -26.93 9.90 1.39
C ARG A 114 -28.32 10.28 0.88
N ASN A 115 -28.85 11.42 1.35
CA ASN A 115 -30.19 11.89 0.97
C ASN A 115 -30.10 13.28 0.32
N SER A 116 -29.25 13.41 -0.71
CA SER A 116 -29.09 14.66 -1.44
C SER A 116 -29.41 14.49 -2.93
N GLY A 117 -29.91 13.32 -3.30
CA GLY A 117 -30.30 13.01 -4.67
C GLY A 117 -29.20 12.37 -5.52
N ILE A 118 -28.06 12.03 -4.92
CA ILE A 118 -26.95 11.38 -5.61
C ILE A 118 -27.17 9.87 -5.57
N SER A 119 -27.05 9.20 -6.75
CA SER A 119 -27.24 7.76 -6.92
C SER A 119 -26.29 6.92 -6.08
N ASP A 120 -26.77 5.74 -5.63
CA ASP A 120 -26.06 4.77 -4.80
C ASP A 120 -24.72 4.30 -5.38
N GLU A 121 -24.62 4.24 -6.72
CA GLU A 121 -23.40 3.83 -7.44
C GLU A 121 -22.25 4.83 -7.27
N TYR A 122 -22.56 6.06 -6.83
CA TYR A 122 -21.57 7.11 -6.57
C TYR A 122 -21.33 7.28 -5.06
N ILE A 123 -22.38 7.06 -4.24
CA ILE A 123 -22.38 7.16 -2.78
C ILE A 123 -21.49 6.09 -2.11
N THR A 124 -21.73 4.79 -2.40
CA THR A 124 -20.98 3.68 -1.82
C THR A 124 -19.44 3.81 -2.04
N PRO A 125 -18.88 4.12 -3.25
CA PRO A 125 -17.42 4.30 -3.35
C PRO A 125 -16.84 5.42 -2.47
N MET A 126 -17.62 6.50 -2.20
CA MET A 126 -17.21 7.64 -1.35
C MET A 126 -16.87 7.18 0.06
N PHE A 127 -17.81 6.46 0.71
CA PHE A 127 -17.69 5.98 2.07
C PHE A 127 -16.73 4.81 2.21
N SER A 128 -16.52 4.02 1.14
CA SER A 128 -15.54 2.93 1.17
C SER A 128 -14.13 3.55 1.10
N PHE A 129 -14.00 4.70 0.40
CA PHE A 129 -12.75 5.45 0.31
C PHE A 129 -12.44 6.12 1.66
N TYR A 130 -13.47 6.73 2.31
CA TYR A 130 -13.34 7.41 3.61
C TYR A 130 -12.89 6.42 4.70
N LYS A 131 -13.42 5.18 4.65
CA LYS A 131 -13.09 4.12 5.61
C LYS A 131 -11.70 3.55 5.40
N SER A 132 -11.27 3.38 4.13
CA SER A 132 -9.93 2.86 3.81
C SER A 132 -8.84 3.87 4.17
N ILE A 133 -9.13 5.18 4.00
CA ILE A 133 -8.24 6.29 4.33
C ILE A 133 -8.10 6.45 5.85
N GLY A 134 -9.22 6.26 6.57
CA GLY A 134 -9.30 6.35 8.02
C GLY A 134 -8.48 5.29 8.74
N GLU A 135 -8.30 4.12 8.10
CA GLU A 135 -7.50 3.00 8.62
C GLU A 135 -5.99 3.32 8.58
N LEU A 136 -5.57 4.24 7.68
CA LEU A 136 -4.17 4.65 7.54
C LEU A 136 -3.72 5.54 8.70
N LYS A 137 -4.70 6.20 9.39
CA LYS A 137 -4.50 7.10 10.54
C LYS A 137 -3.46 8.19 10.23
N MET A 138 -3.72 8.89 9.12
CA MET A 138 -2.87 9.96 8.60
C MET A 138 -2.87 11.19 9.47
N THR A 139 -1.76 11.95 9.41
CA THR A 139 -1.57 13.21 10.13
C THR A 139 -1.87 14.36 9.17
N GLN A 140 -1.92 15.61 9.69
CA GLN A 140 -2.16 16.82 8.90
C GLN A 140 -1.06 17.03 7.84
N GLU A 141 0.20 16.67 8.17
CA GLU A 141 1.34 16.76 7.26
C GLU A 141 1.16 15.88 6.03
N GLU A 142 0.67 14.65 6.23
CA GLU A 142 0.44 13.68 5.15
C GLU A 142 -0.72 14.10 4.24
N TYR A 143 -1.77 14.71 4.82
CA TYR A 143 -2.92 15.23 4.08
C TYR A 143 -2.50 16.42 3.23
N ALA A 144 -1.67 17.32 3.79
CA ALA A 144 -1.17 18.50 3.09
C ALA A 144 -0.28 18.10 1.91
N LEU A 145 0.58 17.08 2.10
CA LEU A 145 1.47 16.62 1.04
C LEU A 145 0.74 15.87 -0.06
N LEU A 146 -0.17 14.92 0.29
CA LEU A 146 -0.97 14.17 -0.69
C LEU A 146 -1.79 15.10 -1.57
N THR A 147 -2.35 16.19 -0.99
CA THR A 147 -3.11 17.20 -1.75
C THR A 147 -2.17 17.88 -2.74
N ALA A 148 -0.97 18.29 -2.29
CA ALA A 148 0.04 18.92 -3.14
C ALA A 148 0.48 17.98 -4.29
N ILE A 149 0.61 16.67 -4.01
CA ILE A 149 1.00 15.64 -4.97
C ILE A 149 -0.12 15.40 -6.02
N VAL A 150 -1.39 15.44 -5.57
CA VAL A 150 -2.60 15.31 -6.40
C VAL A 150 -2.68 16.49 -7.36
N ILE A 151 -2.44 17.72 -6.85
CA ILE A 151 -2.45 18.96 -7.65
C ILE A 151 -1.32 18.97 -8.68
N LEU A 152 -0.08 18.76 -8.25
CA LEU A 152 1.06 18.78 -9.16
C LEU A 152 1.28 17.41 -9.84
N SER A 153 0.21 16.84 -10.42
CA SER A 153 0.25 15.57 -11.15
C SER A 153 0.66 15.84 -12.60
N PRO A 154 1.86 15.37 -13.06
CA PRO A 154 2.28 15.65 -14.46
C PRO A 154 1.49 14.86 -15.52
N ASP A 155 0.83 13.77 -15.10
CA ASP A 155 0.05 12.86 -15.95
C ASP A 155 -1.30 13.44 -16.44
N ARG A 156 -1.70 14.65 -15.96
CA ARG A 156 -2.95 15.31 -16.35
C ARG A 156 -3.04 15.54 -17.86
N GLN A 157 -4.28 15.54 -18.37
CA GLN A 157 -4.58 15.76 -19.78
C GLN A 157 -4.40 17.24 -20.14
N TYR A 158 -3.89 17.48 -21.36
CA TYR A 158 -3.63 18.80 -21.97
C TYR A 158 -2.53 19.61 -21.22
N ILE A 159 -1.51 18.91 -20.66
CA ILE A 159 -0.37 19.58 -20.00
C ILE A 159 0.73 19.72 -21.05
N LYS A 160 1.16 20.95 -21.36
CA LYS A 160 2.21 21.17 -22.36
C LYS A 160 3.61 20.89 -21.82
N ASP A 161 3.95 21.39 -20.63
CA ASP A 161 5.26 21.13 -20.03
C ASP A 161 5.13 20.21 -18.80
N ARG A 162 5.06 18.90 -19.05
CA ARG A 162 4.93 17.86 -18.01
C ARG A 162 6.18 17.74 -17.13
N GLU A 163 7.39 17.90 -17.71
CA GLU A 163 8.66 17.84 -16.97
C GLU A 163 8.77 18.94 -15.90
N ALA A 164 8.23 20.14 -16.18
CA ALA A 164 8.23 21.27 -15.26
C ALA A 164 7.34 20.96 -14.04
N VAL A 165 6.28 20.15 -14.25
CA VAL A 165 5.35 19.71 -13.19
C VAL A 165 6.05 18.64 -12.34
N GLU A 166 6.78 17.71 -13.00
CA GLU A 166 7.56 16.63 -12.38
C GLU A 166 8.59 17.18 -11.40
N LYS A 167 9.26 18.30 -11.78
CA LYS A 167 10.29 18.98 -10.96
C LYS A 167 9.71 19.47 -9.64
N LEU A 168 8.47 19.98 -9.66
CA LEU A 168 7.79 20.51 -8.47
C LEU A 168 7.22 19.41 -7.58
N GLN A 169 6.73 18.32 -8.21
CA GLN A 169 6.16 17.18 -7.51
C GLN A 169 7.19 16.32 -6.76
N GLU A 170 8.34 15.98 -7.41
CA GLU A 170 9.40 15.12 -6.84
C GLU A 170 9.84 15.53 -5.40
N PRO A 171 10.16 16.81 -5.07
CA PRO A 171 10.53 17.13 -3.67
C PRO A 171 9.46 16.80 -2.63
N LEU A 172 8.17 16.85 -3.03
CA LEU A 172 7.01 16.55 -2.18
C LEU A 172 6.82 15.05 -1.95
N LEU A 173 7.13 14.21 -2.94
CA LEU A 173 7.07 12.75 -2.81
C LEU A 173 8.19 12.28 -1.88
N ASP A 174 9.35 12.96 -1.94
CA ASP A 174 10.52 12.67 -1.12
C ASP A 174 10.32 13.03 0.34
N VAL A 175 9.61 14.14 0.61
CA VAL A 175 9.30 14.59 1.98
C VAL A 175 8.33 13.57 2.61
N LEU A 176 7.27 13.21 1.84
CA LEU A 176 6.24 12.24 2.21
C LEU A 176 6.83 10.84 2.50
N GLN A 177 7.80 10.37 1.67
CA GLN A 177 8.48 9.08 1.81
C GLN A 177 9.26 9.02 3.12
N LYS A 178 9.91 10.13 3.49
CA LYS A 178 10.69 10.28 4.72
C LYS A 178 9.76 10.34 5.93
N LEU A 179 8.56 10.94 5.77
CA LEU A 179 7.58 11.06 6.85
C LEU A 179 6.98 9.71 7.23
N CYS A 180 6.74 8.83 6.23
CA CYS A 180 6.20 7.50 6.43
C CYS A 180 7.17 6.58 7.17
N LYS A 181 8.49 6.74 6.93
CA LYS A 181 9.56 5.96 7.57
C LYS A 181 9.74 6.33 9.04
N ILE A 182 9.57 7.64 9.36
CA ILE A 182 9.74 8.20 10.71
C ILE A 182 8.52 7.91 11.62
N HIS A 183 7.33 8.34 11.19
CA HIS A 183 6.12 8.21 12.00
C HIS A 183 5.48 6.80 11.96
N GLN A 184 5.87 5.95 10.99
CA GLN A 184 5.38 4.57 10.87
C GLN A 184 6.56 3.58 10.55
N PRO A 185 7.53 3.36 11.47
CA PRO A 185 8.64 2.44 11.16
C PRO A 185 8.23 0.97 11.24
N GLU A 186 7.17 0.66 12.03
CA GLU A 186 6.64 -0.69 12.21
C GLU A 186 5.85 -1.17 10.99
N ASN A 187 5.35 -0.23 10.16
CA ASN A 187 4.64 -0.49 8.93
C ASN A 187 5.52 0.06 7.79
N PRO A 188 6.46 -0.75 7.24
CA PRO A 188 7.38 -0.23 6.21
C PRO A 188 6.78 -0.07 4.82
N GLN A 189 5.53 -0.51 4.66
CA GLN A 189 4.83 -0.44 3.39
C GLN A 189 3.76 0.67 3.38
N HIS A 190 3.79 1.56 4.40
CA HIS A 190 2.82 2.66 4.58
C HIS A 190 2.81 3.66 3.41
N PHE A 191 4.01 3.99 2.88
CA PHE A 191 4.13 4.90 1.75
C PHE A 191 3.42 4.34 0.49
N ALA A 192 3.64 3.06 0.15
CA ALA A 192 3.01 2.43 -1.01
C ALA A 192 1.49 2.35 -0.85
N CYS A 193 0.98 2.19 0.40
CA CYS A 193 -0.44 2.18 0.73
C CYS A 193 -1.07 3.55 0.51
N LEU A 194 -0.37 4.66 0.84
CA LEU A 194 -0.85 6.04 0.62
C LEU A 194 -1.04 6.32 -0.85
N LEU A 195 -0.09 5.88 -1.69
CA LEU A 195 -0.10 6.05 -3.14
C LEU A 195 -1.07 5.08 -3.83
N GLY A 196 -1.38 3.97 -3.16
CA GLY A 196 -2.34 2.98 -3.62
C GLY A 196 -3.77 3.47 -3.51
N ARG A 197 -4.00 4.36 -2.52
CA ARG A 197 -5.29 5.01 -2.26
C ARG A 197 -5.55 6.12 -3.27
N LEU A 198 -4.50 6.58 -3.98
CA LEU A 198 -4.60 7.62 -5.01
C LEU A 198 -5.21 7.10 -6.30
N THR A 199 -5.03 5.79 -6.60
CA THR A 199 -5.60 5.15 -7.80
C THR A 199 -7.10 4.93 -7.58
N GLU A 200 -7.50 4.83 -6.30
CA GLU A 200 -8.86 4.69 -5.80
C GLU A 200 -9.53 6.07 -5.89
N LEU A 201 -8.77 7.16 -5.59
CA LEU A 201 -9.21 8.56 -5.64
C LEU A 201 -9.50 8.98 -7.09
N ARG A 202 -8.66 8.50 -8.04
CA ARG A 202 -8.77 8.79 -9.47
C ARG A 202 -10.03 8.22 -10.12
N THR A 203 -10.63 7.17 -9.52
CA THR A 203 -11.86 6.57 -10.06
C THR A 203 -13.09 7.47 -9.81
N PHE A 204 -12.96 8.46 -8.90
CA PHE A 204 -14.03 9.42 -8.61
C PHE A 204 -14.29 10.37 -9.78
N ASN A 205 -13.27 10.61 -10.63
CA ASN A 205 -13.34 11.47 -11.81
C ASN A 205 -14.44 11.07 -12.77
N HIS A 206 -14.49 9.77 -13.15
CA HIS A 206 -15.52 9.28 -14.07
C HIS A 206 -16.90 9.26 -13.40
N HIS A 207 -16.93 8.95 -12.08
CA HIS A 207 -18.15 8.91 -11.25
C HIS A 207 -18.78 10.31 -11.20
N HIS A 208 -17.95 11.36 -11.01
CA HIS A 208 -18.37 12.75 -10.92
C HIS A 208 -18.90 13.26 -12.26
N ALA A 209 -18.22 12.92 -13.38
CA ALA A 209 -18.64 13.30 -14.74
C ALA A 209 -20.02 12.72 -15.03
N GLU A 210 -20.23 11.41 -14.70
CA GLU A 210 -21.50 10.68 -14.85
C GLU A 210 -22.62 11.33 -14.04
N MET A 211 -22.29 11.75 -12.81
CA MET A 211 -23.20 12.40 -11.86
C MET A 211 -23.70 13.75 -12.44
N LEU A 212 -22.81 14.48 -13.13
CA LEU A 212 -23.13 15.77 -13.74
C LEU A 212 -24.10 15.65 -14.96
N MET A 213 -23.96 14.58 -15.79
CA MET A 213 -24.84 14.31 -16.94
C MET A 213 -26.29 13.95 -16.52
N SER A 214 -26.43 13.39 -15.30
CA SER A 214 -27.71 13.01 -14.70
C SER A 214 -28.43 14.23 -14.09
N PHE A 222 -26.21 25.17 -10.08
CA PHE A 222 -25.03 25.09 -9.23
C PHE A 222 -24.55 26.48 -8.76
N THR A 223 -23.26 26.79 -9.00
CA THR A 223 -22.60 28.03 -8.63
C THR A 223 -21.67 28.45 -9.79
N PRO A 224 -21.56 29.77 -10.12
CA PRO A 224 -20.68 30.19 -11.23
C PRO A 224 -19.25 29.65 -11.15
N LEU A 225 -18.68 29.56 -9.93
CA LEU A 225 -17.35 29.02 -9.68
C LEU A 225 -17.28 27.51 -9.98
N LEU A 226 -18.28 26.71 -9.51
CA LEU A 226 -18.32 25.26 -9.74
C LEU A 226 -18.44 24.92 -11.22
N CYS A 227 -19.27 25.70 -11.94
CA CYS A 227 -19.51 25.56 -13.38
C CYS A 227 -18.25 25.77 -14.20
N GLU A 228 -17.39 26.71 -13.78
CA GLU A 228 -16.13 26.98 -14.50
C GLU A 228 -15.11 25.85 -14.31
N ILE A 229 -14.91 25.41 -13.05
CA ILE A 229 -13.95 24.34 -12.72
C ILE A 229 -14.42 22.97 -13.29
N TRP A 230 -15.75 22.77 -13.41
CA TRP A 230 -16.32 21.55 -13.99
C TRP A 230 -16.73 21.85 -15.45
N ASP A 231 -18.05 22.08 -15.71
CA ASP A 231 -18.65 22.45 -17.01
C ASP A 231 -20.10 22.91 -16.87
N GLN B 4 -11.50 32.75 -16.50
CA GLN B 4 -12.33 33.88 -16.10
C GLN B 4 -12.29 34.06 -14.56
N LEU B 5 -13.17 33.37 -13.82
CA LEU B 5 -13.21 33.39 -12.35
C LEU B 5 -12.00 32.66 -11.78
N LEU B 6 -11.47 31.64 -12.51
CA LEU B 6 -10.27 30.91 -12.11
C LEU B 6 -9.04 31.79 -12.26
N ARG B 7 -8.90 32.49 -13.41
CA ARG B 7 -7.77 33.38 -13.68
C ARG B 7 -7.75 34.55 -12.70
N TYR B 8 -8.95 35.05 -12.31
CA TYR B 8 -9.06 36.16 -11.36
C TYR B 8 -8.49 35.74 -10.01
N LEU B 9 -8.95 34.59 -9.50
CA LEU B 9 -8.54 34.01 -8.23
C LEU B 9 -7.08 33.61 -8.24
N LEU B 10 -6.58 33.20 -9.41
CA LEU B 10 -5.19 32.81 -9.60
C LEU B 10 -4.30 34.05 -9.61
N ASP B 11 -4.73 35.10 -10.33
CA ASP B 11 -4.00 36.36 -10.47
C ASP B 11 -4.66 37.52 -9.71
N LYS B 12 -4.40 37.60 -8.39
CA LYS B 12 -4.90 38.62 -7.47
C LYS B 12 -4.02 38.72 -6.22
N MET C 4 1.27 3.99 -16.92
CA MET C 4 1.22 3.40 -18.26
C MET C 4 1.11 1.86 -18.17
N GLU C 5 1.85 1.13 -19.01
CA GLU C 5 1.91 -0.34 -19.05
C GLU C 5 3.30 -0.74 -18.55
N LEU C 6 3.60 -2.05 -18.38
CA LEU C 6 4.95 -2.41 -17.95
C LEU C 6 5.96 -2.03 -19.05
N THR C 7 7.01 -1.28 -18.67
CA THR C 7 8.06 -0.84 -19.60
C THR C 7 8.96 -2.03 -19.97
N PRO C 8 9.74 -2.01 -21.09
CA PRO C 8 10.61 -3.15 -21.41
C PRO C 8 11.65 -3.46 -20.32
N ASP C 9 12.00 -2.45 -19.52
CA ASP C 9 12.92 -2.53 -18.38
C ASP C 9 12.29 -3.37 -17.25
N GLN C 10 10.98 -3.13 -16.98
CA GLN C 10 10.19 -3.84 -15.97
C GLN C 10 9.85 -5.26 -16.42
N GLN C 11 9.72 -5.47 -17.74
CA GLN C 11 9.44 -6.78 -18.34
C GLN C 11 10.66 -7.69 -18.16
N THR C 12 11.88 -7.13 -18.29
CA THR C 12 13.15 -7.83 -18.13
C THR C 12 13.29 -8.24 -16.65
N LEU C 13 12.89 -7.34 -15.74
CA LEU C 13 12.93 -7.55 -14.29
C LEU C 13 11.94 -8.64 -13.87
N LEU C 14 10.68 -8.58 -14.38
CA LEU C 14 9.63 -9.57 -14.09
C LEU C 14 10.01 -10.94 -14.62
N HIS C 15 10.68 -10.99 -15.80
CA HIS C 15 11.15 -12.22 -16.43
C HIS C 15 12.11 -12.97 -15.51
N PHE C 16 13.16 -12.28 -15.02
CA PHE C 16 14.17 -12.83 -14.12
C PHE C 16 13.58 -13.41 -12.82
N ILE C 17 12.61 -12.69 -12.20
CA ILE C 17 11.90 -13.11 -11.00
C ILE C 17 10.99 -14.33 -11.28
N MET C 18 10.28 -14.31 -12.44
CA MET C 18 9.37 -15.38 -12.84
C MET C 18 10.06 -16.70 -13.17
N ASP C 19 11.22 -16.66 -13.85
CA ASP C 19 11.98 -17.87 -14.18
C ASP C 19 12.46 -18.56 -12.91
N SER C 20 12.99 -17.76 -11.95
CA SER C 20 13.54 -18.20 -10.66
C SER C 20 12.50 -18.93 -9.79
N TYR C 21 11.35 -18.28 -9.54
CA TYR C 21 10.21 -18.74 -8.74
C TYR C 21 9.51 -20.01 -9.28
N ASN C 22 9.27 -20.09 -10.61
CA ASN C 22 8.58 -21.19 -11.26
C ASN C 22 9.31 -22.54 -11.22
N LYS C 23 10.66 -22.53 -11.18
CA LYS C 23 11.48 -23.75 -11.10
C LYS C 23 11.33 -24.39 -9.72
N GLN C 24 11.09 -23.56 -8.68
CA GLN C 24 10.95 -23.99 -7.30
C GLN C 24 9.65 -24.73 -7.02
N ARG C 25 9.79 -25.97 -6.55
CA ARG C 25 8.70 -26.89 -6.22
C ARG C 25 9.03 -27.71 -4.96
N MET C 26 7.99 -28.26 -4.32
CA MET C 26 8.10 -29.14 -3.17
C MET C 26 8.52 -30.53 -3.70
N PRO C 27 9.61 -31.14 -3.17
CA PRO C 27 10.04 -32.45 -3.68
C PRO C 27 9.07 -33.60 -3.38
N GLN C 28 9.01 -34.56 -4.31
CA GLN C 28 8.18 -35.76 -4.26
C GLN C 28 8.41 -36.60 -3.00
N GLU C 29 9.67 -36.72 -2.54
CA GLU C 29 10.04 -37.46 -1.32
C GLU C 29 9.30 -36.96 -0.07
N ILE C 30 9.09 -35.63 0.01
CA ILE C 30 8.37 -34.95 1.09
C ILE C 30 6.85 -35.11 0.89
N THR C 31 6.38 -34.92 -0.37
CA THR C 31 4.97 -35.05 -0.78
C THR C 31 4.43 -36.46 -0.50
N ASN C 32 5.23 -37.51 -0.79
CA ASN C 32 4.87 -38.91 -0.54
C ASN C 32 4.88 -39.22 0.96
N LYS C 33 5.72 -38.49 1.73
CA LYS C 33 5.85 -38.63 3.19
C LYS C 33 4.60 -38.14 3.92
N ILE C 34 3.91 -37.13 3.35
CA ILE C 34 2.67 -36.55 3.92
C ILE C 34 1.55 -37.61 3.90
N LEU C 35 1.58 -38.47 2.89
CA LEU C 35 0.62 -39.55 2.70
C LEU C 35 0.98 -40.83 3.45
N LYS C 36 2.23 -41.31 3.26
CA LYS C 36 2.71 -42.61 3.70
C LYS C 36 3.27 -42.69 5.12
N GLU C 37 3.71 -41.58 5.73
CA GLU C 37 4.28 -41.65 7.08
C GLU C 37 3.23 -41.85 8.17
N ALA C 38 3.64 -42.46 9.30
CA ALA C 38 2.78 -42.75 10.46
C ALA C 38 2.28 -41.46 11.10
N PHE C 39 1.01 -41.43 11.52
CA PHE C 39 0.39 -40.25 12.12
C PHE C 39 0.54 -40.23 13.65
N SER C 40 1.43 -39.36 14.13
CA SER C 40 1.73 -39.13 15.55
C SER C 40 2.35 -37.75 15.71
N ALA C 41 2.22 -37.14 16.90
CA ALA C 41 2.76 -35.80 17.21
C ALA C 41 4.26 -35.65 16.88
N GLU C 42 5.07 -36.70 17.14
CA GLU C 42 6.50 -36.74 16.86
C GLU C 42 6.79 -36.82 15.36
N GLU C 43 6.08 -37.71 14.63
CA GLU C 43 6.27 -37.88 13.19
C GLU C 43 5.72 -36.73 12.36
N ASN C 44 4.61 -36.10 12.82
CA ASN C 44 4.00 -34.93 12.17
C ASN C 44 4.94 -33.73 12.27
N PHE C 45 5.65 -33.60 13.41
CA PHE C 45 6.63 -32.56 13.70
C PHE C 45 7.88 -32.72 12.83
N LEU C 46 8.29 -33.99 12.57
CA LEU C 46 9.45 -34.36 11.76
C LEU C 46 9.26 -33.95 10.30
N ILE C 47 8.05 -34.16 9.75
CA ILE C 47 7.70 -33.79 8.37
C ILE C 47 7.82 -32.27 8.22
N LEU C 48 7.36 -31.50 9.23
CA LEU C 48 7.44 -30.03 9.23
C LEU C 48 8.88 -29.53 9.26
N THR C 49 9.76 -30.23 9.99
CA THR C 49 11.19 -29.92 10.06
C THR C 49 11.83 -30.14 8.67
N GLU C 50 11.51 -31.28 8.02
CA GLU C 50 11.99 -31.61 6.67
C GLU C 50 11.50 -30.57 5.64
N MET C 51 10.23 -30.14 5.77
CA MET C 51 9.61 -29.13 4.91
C MET C 51 10.26 -27.76 5.11
N ALA C 52 10.31 -27.26 6.38
CA ALA C 52 10.92 -25.98 6.72
C ALA C 52 12.41 -25.90 6.30
N THR C 53 13.18 -27.01 6.46
CA THR C 53 14.58 -27.12 6.03
C THR C 53 14.69 -26.94 4.52
N ASN C 54 13.80 -27.63 3.75
CA ASN C 54 13.76 -27.54 2.29
C ASN C 54 13.48 -26.12 1.83
N HIS C 55 12.62 -25.37 2.57
CA HIS C 55 12.31 -23.97 2.25
C HIS C 55 13.54 -23.07 2.32
N VAL C 56 14.44 -23.30 3.29
CA VAL C 56 15.68 -22.52 3.44
C VAL C 56 16.55 -22.62 2.18
N GLN C 57 16.66 -23.83 1.58
CA GLN C 57 17.40 -24.05 0.33
C GLN C 57 16.69 -23.37 -0.85
N VAL C 58 15.34 -23.33 -0.79
CA VAL C 58 14.46 -22.72 -1.81
C VAL C 58 14.59 -21.18 -1.76
N LEU C 59 14.59 -20.62 -0.54
CA LEU C 59 14.74 -19.20 -0.24
C LEU C 59 16.08 -18.66 -0.73
N VAL C 60 17.21 -19.30 -0.33
CA VAL C 60 18.56 -18.92 -0.74
C VAL C 60 18.68 -18.95 -2.27
N GLU C 61 18.17 -20.02 -2.92
CA GLU C 61 18.20 -20.14 -4.38
C GLU C 61 17.44 -19.02 -5.11
N PHE C 62 16.25 -18.63 -4.59
CA PHE C 62 15.44 -17.56 -5.15
C PHE C 62 16.09 -16.19 -4.93
N THR C 63 16.60 -15.96 -3.71
CA THR C 63 17.27 -14.72 -3.29
C THR C 63 18.56 -14.45 -4.07
N LYS C 64 19.33 -15.52 -4.38
CA LYS C 64 20.58 -15.48 -5.16
C LYS C 64 20.36 -14.87 -6.54
N LYS C 65 19.19 -15.15 -7.16
CA LYS C 65 18.83 -14.70 -8.50
C LYS C 65 18.16 -13.33 -8.54
N LEU C 66 17.77 -12.75 -7.39
CA LEU C 66 17.14 -11.43 -7.34
C LEU C 66 18.13 -10.35 -7.81
N PRO C 67 17.82 -9.61 -8.92
CA PRO C 67 18.78 -8.61 -9.42
C PRO C 67 19.29 -7.61 -8.38
N GLY C 68 20.62 -7.62 -8.23
CA GLY C 68 21.33 -6.75 -7.31
C GLY C 68 21.60 -7.31 -5.93
N PHE C 69 21.08 -8.51 -5.61
CA PHE C 69 21.29 -9.12 -4.29
C PHE C 69 22.74 -9.54 -4.07
N GLN C 70 23.37 -10.11 -5.10
CA GLN C 70 24.76 -10.57 -5.06
C GLN C 70 25.77 -9.42 -4.95
N THR C 71 25.34 -8.19 -5.30
CA THR C 71 26.18 -6.98 -5.24
C THR C 71 26.14 -6.29 -3.85
N LEU C 72 25.29 -6.79 -2.94
CA LEU C 72 25.14 -6.27 -1.57
C LEU C 72 26.27 -6.77 -0.66
N ASP C 73 26.45 -6.08 0.48
CA ASP C 73 27.42 -6.43 1.52
C ASP C 73 27.07 -7.81 2.09
N HIS C 74 28.07 -8.70 2.21
CA HIS C 74 27.91 -10.08 2.68
C HIS C 74 27.13 -10.20 3.99
N GLU C 75 27.40 -9.31 4.97
CA GLU C 75 26.70 -9.32 6.27
C GLU C 75 25.22 -8.93 6.15
N ASP C 76 24.89 -8.01 5.22
CA ASP C 76 23.53 -7.58 4.95
C ASP C 76 22.75 -8.68 4.21
N GLN C 77 23.46 -9.48 3.37
CA GLN C 77 22.89 -10.61 2.64
C GLN C 77 22.35 -11.67 3.62
N ILE C 78 23.10 -11.95 4.70
CA ILE C 78 22.73 -12.91 5.75
C ILE C 78 21.54 -12.36 6.58
N ALA C 79 21.60 -11.08 6.97
CA ALA C 79 20.57 -10.39 7.74
C ALA C 79 19.23 -10.36 7.01
N LEU C 80 19.25 -10.14 5.67
CA LEU C 80 18.03 -10.13 4.84
C LEU C 80 17.41 -11.52 4.80
N LEU C 81 18.25 -12.57 4.71
CA LEU C 81 17.79 -13.96 4.72
C LEU C 81 17.20 -14.38 6.06
N LYS C 82 17.91 -14.07 7.18
CA LYS C 82 17.46 -14.39 8.53
C LYS C 82 16.15 -13.67 8.91
N GLY C 83 16.06 -12.39 8.50
CA GLY C 83 14.90 -11.54 8.77
C GLY C 83 13.63 -11.88 8.01
N SER C 84 13.78 -12.54 6.85
CA SER C 84 12.64 -12.91 5.99
C SER C 84 12.29 -14.40 5.99
N ALA C 85 13.13 -15.26 6.58
CA ALA C 85 12.94 -16.72 6.64
C ALA C 85 11.54 -17.16 7.08
N VAL C 86 10.99 -16.58 8.17
CA VAL C 86 9.66 -16.93 8.70
C VAL C 86 8.53 -16.45 7.77
N GLU C 87 8.54 -15.14 7.41
CA GLU C 87 7.55 -14.50 6.54
C GLU C 87 7.44 -15.13 5.16
N ALA C 88 8.60 -15.34 4.48
CA ALA C 88 8.68 -15.95 3.15
C ALA C 88 8.17 -17.39 3.16
N MET C 89 8.36 -18.12 4.28
CA MET C 89 7.89 -19.49 4.45
C MET C 89 6.36 -19.56 4.53
N PHE C 90 5.74 -18.71 5.36
CA PHE C 90 4.29 -18.70 5.50
C PHE C 90 3.60 -18.20 4.25
N LEU C 91 4.24 -17.27 3.51
CA LEU C 91 3.71 -16.78 2.26
C LEU C 91 3.71 -17.91 1.22
N ARG C 92 4.78 -18.73 1.22
CA ARG C 92 4.93 -19.89 0.33
C ARG C 92 3.97 -21.00 0.74
N SER C 93 3.76 -21.18 2.07
CA SER C 93 2.85 -22.14 2.68
C SER C 93 1.41 -21.83 2.26
N ALA C 94 1.05 -20.52 2.22
CA ALA C 94 -0.26 -20.02 1.81
C ALA C 94 -0.53 -20.38 0.36
N GLU C 95 0.51 -20.27 -0.51
CA GLU C 95 0.44 -20.58 -1.93
C GLU C 95 0.20 -22.08 -2.15
N ILE C 96 0.94 -22.94 -1.43
CA ILE C 96 0.86 -24.40 -1.50
C ILE C 96 -0.47 -24.91 -0.93
N PHE C 97 -0.88 -24.42 0.25
CA PHE C 97 -2.12 -24.81 0.92
C PHE C 97 -3.40 -24.40 0.17
N ASN C 98 -3.34 -23.35 -0.66
CA ASN C 98 -4.49 -22.86 -1.43
C ASN C 98 -4.51 -23.30 -2.91
N LYS C 99 -3.34 -23.74 -3.46
CA LYS C 99 -3.23 -24.14 -4.86
C LYS C 99 -2.68 -25.55 -5.07
N LYS C 100 -1.34 -25.62 -5.13
CA LYS C 100 -0.41 -26.72 -5.44
C LYS C 100 -0.69 -28.10 -4.85
N LEU C 101 -1.19 -28.19 -3.60
CA LEU C 101 -1.44 -29.50 -2.98
C LEU C 101 -2.59 -30.31 -3.58
N PRO C 102 -2.39 -31.64 -3.85
CA PRO C 102 -3.50 -32.47 -4.35
C PRO C 102 -4.64 -32.53 -3.33
N SER C 103 -5.91 -32.62 -3.80
CA SER C 103 -7.12 -32.65 -2.97
C SER C 103 -6.96 -33.44 -1.66
N GLY C 104 -6.35 -34.63 -1.75
CA GLY C 104 -6.07 -35.51 -0.62
C GLY C 104 -5.10 -34.95 0.40
N HIS C 105 -3.97 -34.47 -0.09
CA HIS C 105 -2.84 -33.91 0.66
C HIS C 105 -3.17 -32.69 1.51
N SER C 106 -4.06 -31.80 1.06
CA SER C 106 -4.39 -30.60 1.84
C SER C 106 -5.05 -30.93 3.19
N ASP C 107 -6.05 -31.85 3.19
CA ASP C 107 -6.74 -32.26 4.41
C ASP C 107 -5.85 -33.07 5.36
N LEU C 108 -4.96 -33.92 4.81
CA LEU C 108 -4.03 -34.72 5.60
C LEU C 108 -2.96 -33.85 6.25
N LEU C 109 -2.41 -32.86 5.49
CA LEU C 109 -1.40 -31.95 5.99
C LEU C 109 -1.95 -31.03 7.07
N GLU C 110 -3.20 -30.52 6.88
CA GLU C 110 -3.88 -29.68 7.86
C GLU C 110 -4.00 -30.44 9.19
N ALA C 111 -4.39 -31.74 9.12
CA ALA C 111 -4.50 -32.65 10.27
C ALA C 111 -3.13 -32.84 10.93
N ARG C 112 -2.06 -32.99 10.11
CA ARG C 112 -0.69 -33.14 10.58
C ARG C 112 -0.19 -31.87 11.29
N ILE C 113 -0.42 -30.66 10.72
CA ILE C 113 -0.04 -29.37 11.31
C ILE C 113 -0.77 -29.18 12.65
N ARG C 114 -2.09 -29.47 12.69
CA ARG C 114 -2.91 -29.33 13.89
C ARG C 114 -2.52 -30.32 15.00
N ASN C 115 -1.92 -31.46 14.63
CA ASN C 115 -1.49 -32.49 15.58
C ASN C 115 0.03 -32.74 15.50
N SER C 116 0.80 -31.66 15.62
CA SER C 116 2.26 -31.72 15.60
C SER C 116 2.89 -31.19 16.88
N GLY C 117 2.04 -30.86 17.86
CA GLY C 117 2.45 -30.36 19.17
C GLY C 117 2.53 -28.85 19.28
N ILE C 118 2.10 -28.12 18.22
CA ILE C 118 2.10 -26.66 18.20
C ILE C 118 0.80 -26.16 18.83
N SER C 119 0.91 -25.21 19.78
CA SER C 119 -0.22 -24.60 20.51
C SER C 119 -1.23 -23.92 19.60
N ASP C 120 -2.51 -23.96 19.99
CA ASP C 120 -3.66 -23.39 19.29
C ASP C 120 -3.52 -21.89 18.99
N GLU C 121 -2.82 -21.13 19.88
CA GLU C 121 -2.58 -19.69 19.73
C GLU C 121 -1.67 -19.36 18.53
N TYR C 122 -0.95 -20.36 18.00
CA TYR C 122 -0.08 -20.21 16.83
C TYR C 122 -0.73 -20.83 15.59
N ILE C 123 -1.51 -21.90 15.77
CA ILE C 123 -2.23 -22.65 14.72
C ILE C 123 -3.34 -21.82 14.06
N THR C 124 -4.29 -21.29 14.86
CA THR C 124 -5.42 -20.48 14.37
C THR C 124 -4.96 -19.28 13.49
N PRO C 125 -3.96 -18.42 13.87
CA PRO C 125 -3.55 -17.33 12.95
C PRO C 125 -3.03 -17.81 11.58
N MET C 126 -2.39 -19.01 11.52
CA MET C 126 -1.86 -19.60 10.28
C MET C 126 -2.97 -19.80 9.25
N PHE C 127 -4.04 -20.51 9.65
CA PHE C 127 -5.17 -20.86 8.80
C PHE C 127 -6.08 -19.66 8.51
N SER C 128 -6.11 -18.65 9.39
CA SER C 128 -6.89 -17.43 9.13
C SER C 128 -6.15 -16.60 8.09
N PHE C 129 -4.79 -16.68 8.08
CA PHE C 129 -3.95 -16.01 7.09
C PHE C 129 -4.09 -16.70 5.73
N TYR C 130 -4.10 -18.06 5.71
CA TYR C 130 -4.24 -18.88 4.50
C TYR C 130 -5.58 -18.60 3.81
N LYS C 131 -6.66 -18.44 4.61
CA LYS C 131 -8.01 -18.16 4.12
C LYS C 131 -8.16 -16.74 3.60
N SER C 132 -7.55 -15.73 4.26
CA SER C 132 -7.62 -14.34 3.83
C SER C 132 -6.83 -14.12 2.53
N ILE C 133 -5.70 -14.83 2.38
CA ILE C 133 -4.83 -14.79 1.19
C ILE C 133 -5.53 -15.47 0.00
N GLY C 134 -6.22 -16.58 0.26
CA GLY C 134 -6.97 -17.35 -0.74
C GLY C 134 -8.11 -16.59 -1.38
N GLU C 135 -8.70 -15.65 -0.61
CA GLU C 135 -9.81 -14.80 -1.07
C GLU C 135 -9.34 -13.74 -2.08
N LEU C 136 -8.02 -13.38 -2.05
CA LEU C 136 -7.42 -12.42 -2.96
C LEU C 136 -7.28 -12.99 -4.38
N LYS C 137 -7.24 -14.34 -4.50
CA LYS C 137 -7.10 -15.09 -5.75
C LYS C 137 -5.91 -14.61 -6.57
N MET C 138 -4.74 -14.59 -5.90
CA MET C 138 -3.46 -14.14 -6.45
C MET C 138 -2.93 -15.09 -7.50
N THR C 139 -2.15 -14.54 -8.43
CA THR C 139 -1.49 -15.29 -9.49
C THR C 139 -0.06 -15.58 -9.06
N GLN C 140 0.66 -16.41 -9.84
CA GLN C 140 2.05 -16.78 -9.59
C GLN C 140 2.97 -15.54 -9.62
N GLU C 141 2.67 -14.55 -10.49
CA GLU C 141 3.42 -13.28 -10.62
C GLU C 141 3.37 -12.48 -9.32
N GLU C 142 2.18 -12.39 -8.70
CA GLU C 142 1.95 -11.65 -7.47
C GLU C 142 2.64 -12.33 -6.27
N TYR C 143 2.66 -13.68 -6.23
CA TYR C 143 3.33 -14.47 -5.21
C TYR C 143 4.83 -14.29 -5.30
N ALA C 144 5.38 -14.33 -6.53
CA ALA C 144 6.80 -14.16 -6.80
C ALA C 144 7.26 -12.76 -6.39
N LEU C 145 6.46 -11.72 -6.68
CA LEU C 145 6.81 -10.33 -6.33
C LEU C 145 6.72 -10.06 -4.84
N LEU C 146 5.61 -10.49 -4.18
CA LEU C 146 5.44 -10.32 -2.73
C LEU C 146 6.57 -10.98 -1.93
N THR C 147 7.05 -12.16 -2.40
CA THR C 147 8.17 -12.86 -1.78
C THR C 147 9.44 -12.01 -1.93
N ALA C 148 9.69 -11.48 -3.14
CA ALA C 148 10.83 -10.61 -3.41
C ALA C 148 10.80 -9.33 -2.55
N ILE C 149 9.59 -8.75 -2.33
CA ILE C 149 9.37 -7.55 -1.52
C ILE C 149 9.62 -7.83 -0.02
N VAL C 150 9.20 -9.03 0.44
CA VAL C 150 9.38 -9.52 1.82
C VAL C 150 10.88 -9.70 2.09
N ILE C 151 11.63 -10.31 1.14
CA ILE C 151 13.07 -10.54 1.24
C ILE C 151 13.85 -9.22 1.23
N LEU C 152 13.60 -8.36 0.24
CA LEU C 152 14.32 -7.09 0.15
C LEU C 152 13.67 -5.99 1.01
N SER C 153 13.38 -6.30 2.29
CA SER C 153 12.81 -5.35 3.24
C SER C 153 13.93 -4.52 3.88
N PRO C 154 14.01 -3.19 3.62
CA PRO C 154 15.09 -2.39 4.23
C PRO C 154 14.98 -2.15 5.73
N ASP C 155 13.77 -2.34 6.29
CA ASP C 155 13.41 -2.15 7.70
C ASP C 155 13.97 -3.23 8.65
N ARG C 156 14.61 -4.30 8.10
CA ARG C 156 15.18 -5.41 8.90
C ARG C 156 16.25 -4.93 9.90
N GLN C 157 16.38 -5.66 11.01
CA GLN C 157 17.34 -5.39 12.08
C GLN C 157 18.76 -5.75 11.64
N TYR C 158 19.74 -4.94 12.08
CA TYR C 158 21.18 -5.08 11.80
C TYR C 158 21.55 -4.92 10.30
N ILE C 159 20.81 -4.06 9.56
CA ILE C 159 21.12 -3.77 8.15
C ILE C 159 22.03 -2.54 8.14
N LYS C 160 23.26 -2.69 7.62
CA LYS C 160 24.28 -1.64 7.51
C LYS C 160 23.89 -0.59 6.46
N ASP C 161 23.60 -1.02 5.21
CA ASP C 161 23.22 -0.15 4.09
C ASP C 161 21.76 -0.36 3.68
N ARG C 162 20.88 0.34 4.42
CA ARG C 162 19.43 0.38 4.29
C ARG C 162 18.98 0.86 2.91
N GLU C 163 19.61 1.96 2.41
CA GLU C 163 19.31 2.61 1.14
C GLU C 163 19.58 1.72 -0.07
N ALA C 164 20.63 0.86 -0.01
CA ALA C 164 20.97 -0.06 -1.08
C ALA C 164 19.89 -1.14 -1.24
N VAL C 165 19.21 -1.50 -0.13
CA VAL C 165 18.10 -2.46 -0.11
C VAL C 165 16.85 -1.80 -0.70
N GLU C 166 16.62 -0.51 -0.34
CA GLU C 166 15.50 0.33 -0.82
C GLU C 166 15.52 0.44 -2.35
N LYS C 167 16.72 0.60 -2.94
CA LYS C 167 16.93 0.72 -4.40
C LYS C 167 16.46 -0.52 -5.13
N LEU C 168 16.71 -1.72 -4.55
CA LEU C 168 16.32 -3.00 -5.15
C LEU C 168 14.85 -3.30 -4.96
N GLN C 169 14.27 -2.91 -3.81
CA GLN C 169 12.86 -3.12 -3.49
C GLN C 169 11.88 -2.26 -4.30
N GLU C 170 12.16 -0.93 -4.41
CA GLU C 170 11.29 0.03 -5.12
C GLU C 170 10.84 -0.42 -6.54
N PRO C 171 11.74 -0.89 -7.46
CA PRO C 171 11.26 -1.36 -8.76
C PRO C 171 10.26 -2.51 -8.69
N LEU C 172 10.34 -3.37 -7.64
CA LEU C 172 9.43 -4.52 -7.42
C LEU C 172 8.05 -4.11 -6.92
N LEU C 173 7.96 -3.03 -6.11
CA LEU C 173 6.69 -2.49 -5.62
C LEU C 173 5.96 -1.83 -6.81
N ASP C 174 6.73 -1.20 -7.71
CA ASP C 174 6.22 -0.52 -8.89
C ASP C 174 5.71 -1.49 -9.95
N VAL C 175 6.37 -2.66 -10.10
CA VAL C 175 5.94 -3.70 -11.05
C VAL C 175 4.61 -4.28 -10.54
N LEU C 176 4.55 -4.59 -9.22
CA LEU C 176 3.37 -5.12 -8.53
C LEU C 176 2.16 -4.17 -8.63
N GLN C 177 2.39 -2.85 -8.44
CA GLN C 177 1.37 -1.80 -8.52
C GLN C 177 0.75 -1.72 -9.91
N LYS C 178 1.60 -1.88 -10.95
CA LYS C 178 1.19 -1.88 -12.36
C LYS C 178 0.44 -3.16 -12.70
N LEU C 179 0.80 -4.30 -12.06
CA LEU C 179 0.13 -5.60 -12.26
C LEU C 179 -1.30 -5.60 -11.73
N CYS C 180 -1.51 -4.95 -10.57
CA CYS C 180 -2.82 -4.84 -9.93
C CYS C 180 -3.80 -3.97 -10.74
N LYS C 181 -3.28 -2.93 -11.42
CA LYS C 181 -4.06 -2.02 -12.28
C LYS C 181 -4.50 -2.68 -13.58
N ILE C 182 -3.64 -3.57 -14.14
CA ILE C 182 -3.88 -4.28 -15.40
C ILE C 182 -4.83 -5.47 -15.22
N HIS C 183 -4.51 -6.41 -14.33
CA HIS C 183 -5.29 -7.62 -14.13
C HIS C 183 -6.57 -7.40 -13.28
N GLN C 184 -6.66 -6.28 -12.55
CA GLN C 184 -7.86 -5.93 -11.79
C GLN C 184 -8.18 -4.43 -11.89
N PRO C 185 -8.68 -3.95 -13.07
CA PRO C 185 -9.01 -2.52 -13.19
C PRO C 185 -10.34 -2.15 -12.52
N GLU C 186 -11.29 -3.10 -12.45
CA GLU C 186 -12.61 -2.91 -11.84
C GLU C 186 -12.53 -2.91 -10.32
N ASN C 187 -11.43 -3.49 -9.77
CA ASN C 187 -11.14 -3.55 -8.34
C ASN C 187 -9.89 -2.68 -8.09
N PRO C 188 -10.04 -1.35 -7.88
CA PRO C 188 -8.86 -0.50 -7.66
C PRO C 188 -8.25 -0.59 -6.26
N GLN C 189 -8.83 -1.46 -5.38
CA GLN C 189 -8.41 -1.68 -3.99
C GLN C 189 -7.58 -2.97 -3.83
N HIS C 190 -7.11 -3.56 -4.95
CA HIS C 190 -6.33 -4.81 -4.95
C HIS C 190 -4.93 -4.67 -4.35
N PHE C 191 -4.16 -3.63 -4.76
CA PHE C 191 -2.78 -3.38 -4.32
C PHE C 191 -2.67 -3.13 -2.81
N ALA C 192 -3.56 -2.27 -2.29
CA ALA C 192 -3.68 -1.89 -0.88
C ALA C 192 -3.93 -3.10 0.01
N CYS C 193 -4.76 -4.05 -0.48
CA CYS C 193 -5.13 -5.29 0.20
C CYS C 193 -3.96 -6.27 0.28
N LEU C 194 -3.14 -6.36 -0.79
CA LEU C 194 -1.96 -7.24 -0.85
C LEU C 194 -0.92 -6.83 0.19
N LEU C 195 -0.71 -5.51 0.33
CA LEU C 195 0.23 -4.92 1.30
C LEU C 195 -0.31 -4.94 2.72
N GLY C 196 -1.64 -5.00 2.85
CA GLY C 196 -2.33 -5.08 4.14
C GLY C 196 -2.16 -6.44 4.77
N ARG C 197 -2.01 -7.48 3.91
CA ARG C 197 -1.80 -8.87 4.30
C ARG C 197 -0.36 -9.10 4.75
N LEU C 198 0.56 -8.16 4.42
CA LEU C 198 1.97 -8.22 4.81
C LEU C 198 2.18 -7.84 6.28
N THR C 199 1.31 -6.97 6.83
CA THR C 199 1.38 -6.57 8.24
C THR C 199 0.87 -7.71 9.12
N GLU C 200 0.00 -8.58 8.52
CA GLU C 200 -0.58 -9.78 9.09
C GLU C 200 0.50 -10.87 9.09
N LEU C 201 1.32 -10.92 8.02
CA LEU C 201 2.44 -11.85 7.84
C LEU C 201 3.55 -11.59 8.87
N ARG C 202 3.81 -10.29 9.15
CA ARG C 202 4.82 -9.83 10.10
C ARG C 202 4.54 -10.23 11.54
N THR C 203 3.25 -10.49 11.89
CA THR C 203 2.87 -10.91 13.25
C THR C 203 3.30 -12.37 13.53
N PHE C 204 3.62 -13.15 12.48
CA PHE C 204 4.09 -14.52 12.62
C PHE C 204 5.48 -14.60 13.23
N ASN C 205 6.29 -13.53 13.09
CA ASN C 205 7.65 -13.42 13.63
C ASN C 205 7.68 -13.63 15.15
N HIS C 206 6.83 -12.90 15.90
CA HIS C 206 6.78 -13.03 17.35
C HIS C 206 6.18 -14.39 17.76
N HIS C 207 5.20 -14.90 16.98
CA HIS C 207 4.56 -16.20 17.20
C HIS C 207 5.58 -17.32 17.08
N HIS C 208 6.42 -17.26 16.03
CA HIS C 208 7.46 -18.24 15.73
C HIS C 208 8.55 -18.21 16.79
N ALA C 209 8.92 -17.01 17.28
CA ALA C 209 9.91 -16.80 18.33
C ALA C 209 9.45 -17.45 19.64
N GLU C 210 8.14 -17.30 19.96
CA GLU C 210 7.46 -17.88 21.13
C GLU C 210 7.41 -19.42 21.02
N MET C 211 7.23 -19.94 19.78
CA MET C 211 7.20 -21.38 19.47
C MET C 211 8.57 -22.01 19.76
N LEU C 212 9.67 -21.32 19.37
CA LEU C 212 11.05 -21.74 19.56
C LEU C 212 11.45 -21.88 21.03
N MET C 213 10.90 -21.01 21.90
CA MET C 213 11.18 -21.03 23.34
C MET C 213 10.49 -22.17 24.06
N SER C 214 9.30 -22.59 23.56
CA SER C 214 8.50 -23.69 24.10
C SER C 214 9.01 -25.04 23.60
N HIS C 220 14.08 -30.85 21.89
CA HIS C 220 13.78 -30.94 20.45
C HIS C 220 15.00 -30.62 19.59
N LYS C 221 15.34 -31.54 18.68
CA LYS C 221 16.47 -31.38 17.76
C LYS C 221 15.97 -31.02 16.36
N PHE C 222 16.26 -29.78 15.92
CA PHE C 222 15.82 -29.30 14.61
C PHE C 222 16.74 -29.79 13.49
N THR C 223 17.31 -28.86 12.71
CA THR C 223 18.20 -29.15 11.59
C THR C 223 19.36 -28.16 11.58
N PRO C 224 20.62 -28.56 11.23
CA PRO C 224 21.74 -27.59 11.20
C PRO C 224 21.47 -26.31 10.40
N LEU C 225 20.76 -26.43 9.26
CA LEU C 225 20.37 -25.30 8.41
C LEU C 225 19.35 -24.41 9.13
N LEU C 226 18.35 -25.01 9.81
CA LEU C 226 17.32 -24.31 10.58
C LEU C 226 17.89 -23.52 11.75
N CYS C 227 18.93 -24.05 12.42
CA CYS C 227 19.60 -23.39 13.54
C CYS C 227 20.38 -22.13 13.08
N GLU C 228 20.81 -22.08 11.80
CA GLU C 228 21.53 -20.93 11.25
C GLU C 228 20.62 -19.74 10.95
N ILE C 229 19.49 -19.94 10.24
CA ILE C 229 18.63 -18.80 9.91
C ILE C 229 17.73 -18.37 11.10
N TRP C 230 17.55 -19.26 12.11
CA TRP C 230 16.70 -18.94 13.26
C TRP C 230 17.50 -18.46 14.51
N ASP C 231 18.76 -18.92 14.70
CA ASP C 231 19.58 -18.49 15.85
C ASP C 231 20.68 -17.51 15.42
N LYS D 1 33.23 -16.81 9.02
CA LYS D 1 33.28 -18.23 9.40
C LYS D 1 32.24 -18.59 10.49
N ASP D 2 31.06 -17.92 10.46
CA ASP D 2 29.96 -18.14 11.40
C ASP D 2 28.73 -18.80 10.77
N HIS D 3 28.32 -18.34 9.57
CA HIS D 3 27.18 -18.91 8.85
C HIS D 3 27.69 -19.78 7.68
N GLN D 4 28.56 -20.75 8.01
CA GLN D 4 29.23 -21.66 7.08
C GLN D 4 28.30 -22.33 6.05
N LEU D 5 27.13 -22.85 6.49
CA LEU D 5 26.20 -23.53 5.60
C LEU D 5 25.45 -22.56 4.70
N LEU D 6 25.09 -21.37 5.24
CA LEU D 6 24.43 -20.30 4.50
C LEU D 6 25.37 -19.71 3.45
N ARG D 7 26.66 -19.48 3.81
CA ARG D 7 27.65 -18.95 2.87
C ARG D 7 28.03 -19.97 1.79
N TYR D 8 27.89 -21.28 2.07
CA TYR D 8 28.14 -22.37 1.13
C TYR D 8 27.06 -22.39 0.04
N LEU D 9 25.79 -22.17 0.45
CA LEU D 9 24.62 -22.13 -0.44
C LEU D 9 24.58 -20.85 -1.29
N LEU D 10 24.94 -19.69 -0.69
CA LEU D 10 24.94 -18.38 -1.35
C LEU D 10 26.06 -18.20 -2.34
N ASP D 11 27.27 -18.67 -2.01
CA ASP D 11 28.43 -18.48 -2.87
C ASP D 11 28.87 -19.80 -3.51
N LYS D 12 28.13 -20.20 -4.57
CA LYS D 12 28.37 -21.45 -5.30
C LYS D 12 27.89 -21.37 -6.75
#